data_2LMF
#
_entry.id   2LMF
#
_entity_poly.entity_id   1
_entity_poly.type   'polypeptide(L)'
_entity_poly.pdbx_seq_one_letter_code
;LLGDFFRKSKEKIGKEFKRIVQR
;
_entity_poly.pdbx_strand_id   A
#
# COMPACT_ATOMS: atom_id res chain seq x y z
N LEU A 1 6.86 10.40 -12.96
CA LEU A 1 5.52 9.75 -12.86
C LEU A 1 5.32 9.22 -11.44
N LEU A 2 4.96 10.12 -10.53
CA LEU A 2 4.74 9.73 -9.14
C LEU A 2 3.86 8.50 -9.06
N GLY A 3 2.78 8.52 -9.81
CA GLY A 3 1.83 7.41 -9.81
C GLY A 3 2.55 6.08 -9.61
N ASP A 4 3.76 5.97 -10.15
CA ASP A 4 4.54 4.75 -9.98
C ASP A 4 5.04 4.64 -8.54
N PHE A 5 5.45 5.78 -7.99
CA PHE A 5 5.93 5.83 -6.61
C PHE A 5 4.89 5.25 -5.66
N PHE A 6 3.65 5.72 -5.80
CA PHE A 6 2.56 5.24 -4.96
C PHE A 6 2.33 3.75 -5.16
N ARG A 7 2.36 3.31 -6.42
CA ARG A 7 2.13 1.91 -6.72
C ARG A 7 3.04 1.03 -5.87
N LYS A 8 4.27 1.47 -5.67
CA LYS A 8 5.22 0.71 -4.85
C LYS A 8 4.82 0.77 -3.39
N SER A 9 4.47 1.97 -2.92
CA SER A 9 4.07 2.15 -1.53
C SER A 9 2.67 1.57 -1.31
N LYS A 10 1.73 1.95 -2.15
CA LYS A 10 0.37 1.45 -2.05
C LYS A 10 0.36 -0.06 -1.95
N GLU A 11 1.27 -0.71 -2.66
CA GLU A 11 1.34 -2.17 -2.62
C GLU A 11 1.88 -2.61 -1.25
N LYS A 12 2.88 -1.89 -0.76
CA LYS A 12 3.46 -2.22 0.54
C LYS A 12 2.46 -1.91 1.65
N ILE A 13 1.84 -0.74 1.57
CA ILE A 13 0.86 -0.33 2.55
C ILE A 13 -0.38 -1.21 2.45
N GLY A 14 -0.83 -1.42 1.21
CA GLY A 14 -2.03 -2.22 0.99
C GLY A 14 -1.95 -3.54 1.74
N LYS A 15 -0.83 -4.23 1.63
CA LYS A 15 -0.67 -5.49 2.32
C LYS A 15 -0.58 -5.27 3.83
N GLU A 16 0.16 -4.25 4.22
CA GLU A 16 0.31 -3.94 5.63
C GLU A 16 -0.99 -3.40 6.21
N PHE A 17 -1.54 -2.39 5.56
CA PHE A 17 -2.79 -1.80 6.05
C PHE A 17 -3.93 -2.82 5.96
N LYS A 18 -3.76 -3.85 5.13
CA LYS A 18 -4.79 -4.88 5.01
C LYS A 18 -4.78 -5.79 6.24
N ARG A 19 -3.60 -5.97 6.84
CA ARG A 19 -3.49 -6.84 8.02
C ARG A 19 -3.62 -6.07 9.34
N ILE A 20 -3.48 -4.74 9.29
CA ILE A 20 -3.61 -3.95 10.52
C ILE A 20 -5.07 -3.58 10.77
N VAL A 21 -5.73 -3.12 9.72
CA VAL A 21 -7.15 -2.73 9.83
C VAL A 21 -8.07 -3.88 9.44
N GLN A 22 -7.76 -5.08 9.93
CA GLN A 22 -8.58 -6.25 9.62
C GLN A 22 -9.99 -6.06 10.16
N ARG A 23 -10.80 -5.27 9.45
CA ARG A 23 -12.17 -5.02 9.87
C ARG A 23 -12.21 -4.59 11.34
N LEU A 1 6.22 11.86 -11.96
CA LEU A 1 6.96 10.57 -11.80
C LEU A 1 6.69 10.02 -10.39
N LEU A 2 5.49 10.26 -9.89
CA LEU A 2 5.12 9.79 -8.55
C LEU A 2 4.17 8.60 -8.64
N GLY A 3 3.14 8.76 -9.45
CA GLY A 3 2.14 7.71 -9.61
C GLY A 3 2.79 6.33 -9.49
N ASP A 4 4.02 6.21 -9.96
CA ASP A 4 4.74 4.95 -9.87
C ASP A 4 5.08 4.67 -8.41
N PHE A 5 5.51 5.72 -7.71
CA PHE A 5 5.84 5.62 -6.28
C PHE A 5 4.67 5.04 -5.51
N PHE A 6 3.49 5.61 -5.75
CA PHE A 6 2.29 5.16 -5.07
C PHE A 6 2.03 3.68 -5.35
N ARG A 7 2.14 3.29 -6.61
CA ARG A 7 1.91 1.90 -6.97
C ARG A 7 2.76 1.00 -6.09
N LYS A 8 4.02 1.38 -5.92
CA LYS A 8 4.93 0.61 -5.08
C LYS A 8 4.53 0.73 -3.61
N SER A 9 4.13 1.93 -3.20
CA SER A 9 3.72 2.16 -1.82
C SER A 9 2.35 1.56 -1.56
N LYS A 10 1.39 1.90 -2.41
CA LYS A 10 0.04 1.38 -2.25
C LYS A 10 0.08 -0.14 -2.11
N GLU A 11 1.05 -0.75 -2.77
CA GLU A 11 1.21 -2.20 -2.69
C GLU A 11 1.77 -2.57 -1.32
N LYS A 12 2.82 -1.85 -0.91
CA LYS A 12 3.43 -2.08 0.39
C LYS A 12 2.40 -1.88 1.48
N ILE A 13 1.76 -0.72 1.48
CA ILE A 13 0.73 -0.41 2.45
C ILE A 13 -0.41 -1.41 2.30
N GLY A 14 -0.65 -1.86 1.07
CA GLY A 14 -1.72 -2.81 0.80
C GLY A 14 -1.61 -4.00 1.75
N LYS A 15 -0.42 -4.57 1.85
CA LYS A 15 -0.21 -5.70 2.74
C LYS A 15 -0.39 -5.28 4.19
N GLU A 16 0.35 -4.25 4.60
CA GLU A 16 0.25 -3.75 5.97
C GLU A 16 -1.18 -3.29 6.22
N PHE A 17 -1.75 -2.59 5.24
CA PHE A 17 -3.10 -2.08 5.34
C PHE A 17 -4.07 -3.21 5.67
N LYS A 18 -3.93 -4.34 4.99
CA LYS A 18 -4.80 -5.47 5.22
C LYS A 18 -4.63 -6.00 6.65
N ARG A 19 -3.40 -5.93 7.15
CA ARG A 19 -3.12 -6.39 8.50
C ARG A 19 -3.51 -5.32 9.51
N ILE A 20 -3.05 -4.09 9.27
CA ILE A 20 -3.35 -2.98 10.16
C ILE A 20 -4.85 -2.75 10.27
N VAL A 21 -5.56 -2.98 9.17
CA VAL A 21 -7.01 -2.79 9.15
C VAL A 21 -7.71 -4.11 9.44
N GLN A 22 -8.13 -4.29 10.68
CA GLN A 22 -8.83 -5.50 11.08
C GLN A 22 -10.23 -5.55 10.47
N ARG A 23 -10.29 -5.46 9.14
CA ARG A 23 -11.57 -5.49 8.45
C ARG A 23 -12.49 -4.40 8.98
N LEU A 1 7.35 11.23 -12.22
CA LEU A 1 7.46 9.76 -12.00
C LEU A 1 7.02 9.42 -10.59
N LEU A 2 5.97 10.08 -10.12
CA LEU A 2 5.47 9.84 -8.77
C LEU A 2 4.48 8.68 -8.76
N GLY A 3 3.46 8.80 -9.57
CA GLY A 3 2.43 7.77 -9.66
C GLY A 3 3.06 6.38 -9.50
N ASP A 4 4.27 6.22 -10.02
CA ASP A 4 4.97 4.94 -9.88
C ASP A 4 5.23 4.67 -8.40
N PHE A 5 5.59 5.72 -7.68
CA PHE A 5 5.86 5.61 -6.25
C PHE A 5 4.63 5.04 -5.57
N PHE A 6 3.48 5.64 -5.86
CA PHE A 6 2.23 5.21 -5.27
C PHE A 6 2.03 3.71 -5.48
N ARG A 7 2.23 3.25 -6.71
CA ARG A 7 2.06 1.83 -7.02
C ARG A 7 2.86 1.00 -6.03
N LYS A 8 4.07 1.45 -5.71
CA LYS A 8 4.92 0.73 -4.77
C LYS A 8 4.37 0.88 -3.36
N SER A 9 3.87 2.07 -3.05
CA SER A 9 3.31 2.33 -1.72
C SER A 9 1.96 1.64 -1.56
N LYS A 10 1.07 1.87 -2.53
CA LYS A 10 -0.25 1.26 -2.48
C LYS A 10 -0.12 -0.24 -2.22
N GLU A 11 0.84 -0.87 -2.89
CA GLU A 11 1.06 -2.30 -2.70
C GLU A 11 1.65 -2.57 -1.32
N LYS A 12 2.55 -1.67 -0.90
CA LYS A 12 3.18 -1.81 0.41
C LYS A 12 2.14 -1.61 1.51
N ILE A 13 1.34 -0.54 1.39
CA ILE A 13 0.31 -0.26 2.36
C ILE A 13 -0.76 -1.34 2.30
N GLY A 14 -1.10 -1.78 1.09
CA GLY A 14 -2.11 -2.81 0.91
C GLY A 14 -1.84 -3.99 1.82
N LYS A 15 -0.61 -4.48 1.81
CA LYS A 15 -0.25 -5.61 2.65
C LYS A 15 -0.31 -5.20 4.11
N GLU A 16 0.44 -4.17 4.47
CA GLU A 16 0.44 -3.69 5.84
C GLU A 16 -0.98 -3.35 6.25
N PHE A 17 -1.69 -2.63 5.37
CA PHE A 17 -3.06 -2.25 5.62
C PHE A 17 -3.90 -3.47 5.99
N LYS A 18 -3.86 -4.48 5.13
CA LYS A 18 -4.63 -5.70 5.37
C LYS A 18 -4.32 -6.25 6.76
N ARG A 19 -3.10 -6.02 7.23
CA ARG A 19 -2.69 -6.49 8.54
C ARG A 19 -3.00 -5.45 9.60
N ILE A 20 -3.01 -4.19 9.20
CA ILE A 20 -3.30 -3.09 10.12
C ILE A 20 -4.80 -3.00 10.39
N VAL A 21 -5.60 -3.28 9.36
CA VAL A 21 -7.06 -3.22 9.49
C VAL A 21 -7.67 -4.61 9.32
N GLN A 22 -7.46 -5.47 10.32
CA GLN A 22 -7.99 -6.83 10.26
C GLN A 22 -9.40 -6.88 10.87
N ARG A 23 -10.39 -6.46 10.10
CA ARG A 23 -11.77 -6.46 10.57
C ARG A 23 -12.20 -7.86 10.97
N LEU A 1 7.91 9.25 -12.21
CA LEU A 1 6.94 10.20 -11.60
C LEU A 1 6.48 9.66 -10.25
N LEU A 2 5.76 10.48 -9.49
CA LEU A 2 5.27 10.07 -8.18
C LEU A 2 4.30 8.91 -8.30
N GLY A 3 3.24 9.13 -9.07
CA GLY A 3 2.22 8.12 -9.26
C GLY A 3 2.84 6.73 -9.27
N ASP A 4 4.04 6.62 -9.83
CA ASP A 4 4.73 5.34 -9.86
C ASP A 4 5.01 4.88 -8.42
N PHE A 5 5.41 5.83 -7.58
CA PHE A 5 5.68 5.53 -6.19
C PHE A 5 4.46 4.90 -5.55
N PHE A 6 3.31 5.52 -5.78
CA PHE A 6 2.06 5.03 -5.24
C PHE A 6 1.88 3.55 -5.55
N ARG A 7 2.06 3.19 -6.80
CA ARG A 7 1.92 1.79 -7.20
C ARG A 7 2.75 0.89 -6.28
N LYS A 8 4.02 1.24 -6.13
CA LYS A 8 4.92 0.48 -5.28
C LYS A 8 4.50 0.61 -3.82
N SER A 9 4.06 1.80 -3.44
CA SER A 9 3.65 2.05 -2.06
C SER A 9 2.31 1.39 -1.76
N LYS A 10 1.32 1.62 -2.62
CA LYS A 10 0.00 1.03 -2.42
C LYS A 10 0.13 -0.48 -2.21
N GLU A 11 1.07 -1.10 -2.92
CA GLU A 11 1.28 -2.54 -2.78
C GLU A 11 1.82 -2.85 -1.38
N LYS A 12 2.91 -2.17 -1.02
CA LYS A 12 3.51 -2.38 0.29
C LYS A 12 2.48 -2.09 1.37
N ILE A 13 1.79 -0.96 1.25
CA ILE A 13 0.77 -0.58 2.18
C ILE A 13 -0.37 -1.59 2.11
N GLY A 14 -0.61 -2.12 0.92
CA GLY A 14 -1.68 -3.09 0.74
C GLY A 14 -1.56 -4.19 1.78
N LYS A 15 -0.35 -4.70 1.97
CA LYS A 15 -0.12 -5.74 2.96
C LYS A 15 -0.34 -5.19 4.36
N GLU A 16 0.40 -4.13 4.69
CA GLU A 16 0.25 -3.50 6.00
C GLU A 16 -1.19 -3.07 6.20
N PHE A 17 -1.74 -2.44 5.18
CA PHE A 17 -3.12 -1.97 5.23
C PHE A 17 -4.03 -3.08 5.75
N LYS A 18 -3.79 -4.29 5.28
CA LYS A 18 -4.60 -5.42 5.70
C LYS A 18 -4.32 -5.69 7.18
N ARG A 19 -3.06 -5.85 7.52
CA ARG A 19 -2.69 -6.08 8.92
C ARG A 19 -3.28 -4.98 9.78
N ILE A 20 -3.49 -3.82 9.17
CA ILE A 20 -4.04 -2.67 9.87
C ILE A 20 -5.57 -2.65 9.72
N VAL A 21 -6.05 -3.15 8.58
CA VAL A 21 -7.49 -3.20 8.31
C VAL A 21 -8.02 -4.60 8.56
N GLN A 22 -7.26 -5.40 9.29
CA GLN A 22 -7.66 -6.76 9.62
C GLN A 22 -7.97 -6.85 11.09
N ARG A 23 -8.25 -5.70 11.67
CA ARG A 23 -8.56 -5.61 13.10
C ARG A 23 -9.32 -4.32 13.39
N LEU A 1 8.62 10.77 -12.10
CA LEU A 1 7.55 9.74 -12.15
C LEU A 1 7.13 9.37 -10.72
N LEU A 2 6.13 10.07 -10.21
CA LEU A 2 5.64 9.81 -8.85
C LEU A 2 4.63 8.69 -8.85
N GLY A 3 3.59 8.86 -9.64
CA GLY A 3 2.52 7.88 -9.72
C GLY A 3 3.10 6.46 -9.62
N ASP A 4 4.30 6.28 -10.16
CA ASP A 4 4.95 4.97 -10.08
C ASP A 4 5.19 4.63 -8.61
N PHE A 5 5.59 5.64 -7.85
CA PHE A 5 5.83 5.47 -6.42
C PHE A 5 4.57 4.96 -5.76
N PHE A 6 3.47 5.61 -6.07
CA PHE A 6 2.19 5.22 -5.49
C PHE A 6 1.97 3.73 -5.68
N ARG A 7 2.21 3.24 -6.89
CA ARG A 7 2.02 1.82 -7.18
C ARG A 7 2.79 0.96 -6.19
N LYS A 8 4.07 1.24 -6.01
CA LYS A 8 4.89 0.46 -5.08
C LYS A 8 4.48 0.77 -3.64
N SER A 9 4.06 2.01 -3.40
CA SER A 9 3.64 2.41 -2.07
C SER A 9 2.28 1.81 -1.72
N LYS A 10 1.30 2.03 -2.60
CA LYS A 10 -0.04 1.49 -2.37
C LYS A 10 0.05 0.00 -2.08
N GLU A 11 0.96 -0.68 -2.77
CA GLU A 11 1.15 -2.11 -2.55
C GLU A 11 1.64 -2.35 -1.14
N LYS A 12 2.56 -1.51 -0.68
CA LYS A 12 3.09 -1.63 0.67
C LYS A 12 1.99 -1.42 1.69
N ILE A 13 1.16 -0.40 1.48
CA ILE A 13 0.06 -0.11 2.36
C ILE A 13 -0.92 -1.28 2.36
N GLY A 14 -1.22 -1.79 1.17
CA GLY A 14 -2.14 -2.89 1.04
C GLY A 14 -1.79 -4.02 1.99
N LYS A 15 -0.51 -4.37 2.04
CA LYS A 15 -0.06 -5.44 2.92
C LYS A 15 -0.03 -4.97 4.37
N GLU A 16 0.33 -3.71 4.57
CA GLU A 16 0.39 -3.16 5.91
C GLU A 16 -1.01 -2.88 6.45
N PHE A 17 -1.88 -2.35 5.59
CA PHE A 17 -3.24 -2.02 6.02
C PHE A 17 -4.13 -3.26 6.16
N LYS A 18 -3.94 -4.28 5.31
CA LYS A 18 -4.78 -5.46 5.41
C LYS A 18 -4.42 -6.30 6.62
N ARG A 19 -3.15 -6.25 7.05
CA ARG A 19 -2.73 -7.02 8.21
C ARG A 19 -3.15 -6.30 9.50
N ILE A 20 -3.09 -4.97 9.47
CA ILE A 20 -3.46 -4.16 10.62
C ILE A 20 -4.97 -4.12 10.81
N VAL A 21 -5.71 -4.04 9.71
CA VAL A 21 -7.17 -3.97 9.78
C VAL A 21 -7.79 -5.35 9.52
N GLN A 22 -7.33 -6.35 10.29
CA GLN A 22 -7.84 -7.70 10.14
C GLN A 22 -9.25 -7.81 10.71
N ARG A 23 -10.25 -7.47 9.89
CA ARG A 23 -11.66 -7.53 10.29
C ARG A 23 -11.80 -7.68 11.81
N LEU A 1 6.39 12.19 -11.88
CA LEU A 1 7.21 10.99 -11.56
C LEU A 1 6.84 10.46 -10.19
N LEU A 2 5.53 10.38 -9.92
CA LEU A 2 5.05 9.90 -8.63
C LEU A 2 4.24 8.63 -8.78
N GLY A 3 3.31 8.65 -9.71
CA GLY A 3 2.44 7.50 -9.94
C GLY A 3 3.17 6.19 -9.69
N ASP A 4 4.46 6.17 -10.01
CA ASP A 4 5.26 4.98 -9.77
C ASP A 4 5.44 4.75 -8.27
N PHE A 5 5.65 5.85 -7.54
CA PHE A 5 5.82 5.80 -6.10
C PHE A 5 4.60 5.14 -5.45
N PHE A 6 3.43 5.64 -5.80
CA PHE A 6 2.19 5.11 -5.25
C PHE A 6 2.08 3.62 -5.53
N ARG A 7 2.42 3.20 -6.74
CA ARG A 7 2.34 1.79 -7.08
C ARG A 7 3.09 0.97 -6.04
N LYS A 8 4.26 1.46 -5.64
CA LYS A 8 5.06 0.77 -4.64
C LYS A 8 4.42 0.92 -3.27
N SER A 9 3.85 2.09 -3.01
CA SER A 9 3.20 2.35 -1.72
C SER A 9 1.88 1.61 -1.62
N LYS A 10 1.03 1.77 -2.63
CA LYS A 10 -0.27 1.11 -2.65
C LYS A 10 -0.09 -0.38 -2.39
N GLU A 11 0.93 -0.98 -3.01
CA GLU A 11 1.18 -2.40 -2.82
C GLU A 11 1.66 -2.69 -1.40
N LYS A 12 2.60 -1.88 -0.93
CA LYS A 12 3.13 -2.05 0.42
C LYS A 12 2.04 -1.79 1.46
N ILE A 13 1.36 -0.65 1.32
CA ILE A 13 0.30 -0.29 2.23
C ILE A 13 -0.80 -1.35 2.21
N GLY A 14 -1.21 -1.74 1.01
CA GLY A 14 -2.26 -2.73 0.86
C GLY A 14 -2.02 -3.93 1.75
N LYS A 15 -0.78 -4.43 1.73
CA LYS A 15 -0.43 -5.58 2.54
C LYS A 15 -0.31 -5.20 4.01
N GLU A 16 0.25 -4.03 4.27
CA GLU A 16 0.42 -3.57 5.64
C GLU A 16 -0.91 -3.08 6.21
N PHE A 17 -1.67 -2.33 5.43
CA PHE A 17 -2.96 -1.84 5.92
C PHE A 17 -3.95 -2.99 6.06
N LYS A 18 -3.72 -4.08 5.34
CA LYS A 18 -4.61 -5.24 5.42
C LYS A 18 -4.41 -5.96 6.76
N ARG A 19 -3.16 -6.07 7.19
CA ARG A 19 -2.84 -6.75 8.44
C ARG A 19 -3.03 -5.80 9.63
N ILE A 20 -2.92 -4.50 9.39
CA ILE A 20 -3.08 -3.53 10.46
C ILE A 20 -4.56 -3.24 10.70
N VAL A 21 -5.34 -3.23 9.63
CA VAL A 21 -6.76 -2.96 9.71
C VAL A 21 -7.53 -4.24 10.05
N GLN A 22 -6.94 -5.06 10.91
CA GLN A 22 -7.58 -6.32 11.31
C GLN A 22 -9.05 -6.10 11.61
N ARG A 23 -9.88 -6.22 10.58
CA ARG A 23 -11.32 -6.05 10.73
C ARG A 23 -11.82 -6.74 12.00
N LEU A 1 8.86 10.20 -12.46
CA LEU A 1 7.56 9.48 -12.45
C LEU A 1 7.18 9.16 -11.01
N LEU A 2 6.28 9.97 -10.45
CA LEU A 2 5.83 9.77 -9.08
C LEU A 2 4.81 8.67 -9.00
N GLY A 3 3.74 8.83 -9.76
CA GLY A 3 2.66 7.86 -9.78
C GLY A 3 3.21 6.45 -9.61
N ASP A 4 4.39 6.20 -10.18
CA ASP A 4 5.01 4.89 -10.05
C ASP A 4 5.31 4.63 -8.58
N PHE A 5 5.80 5.65 -7.89
CA PHE A 5 6.09 5.55 -6.47
C PHE A 5 4.86 5.07 -5.73
N PHE A 6 3.75 5.74 -5.99
CA PHE A 6 2.49 5.39 -5.34
C PHE A 6 2.19 3.91 -5.53
N ARG A 7 2.33 3.44 -6.77
CA ARG A 7 2.06 2.04 -7.07
C ARG A 7 2.82 1.14 -6.08
N LYS A 8 4.06 1.53 -5.78
CA LYS A 8 4.87 0.77 -4.85
C LYS A 8 4.35 0.97 -3.42
N SER A 9 3.98 2.21 -3.11
CA SER A 9 3.47 2.51 -1.78
C SER A 9 2.07 1.93 -1.59
N LYS A 10 1.17 2.20 -2.53
CA LYS A 10 -0.19 1.67 -2.44
C LYS A 10 -0.14 0.17 -2.18
N GLU A 11 0.77 -0.52 -2.86
CA GLU A 11 0.90 -1.96 -2.67
C GLU A 11 1.34 -2.24 -1.24
N LYS A 12 2.24 -1.40 -0.73
CA LYS A 12 2.73 -1.55 0.63
C LYS A 12 1.57 -1.47 1.62
N ILE A 13 0.66 -0.52 1.39
CA ILE A 13 -0.49 -0.36 2.25
C ILE A 13 -1.36 -1.62 2.19
N GLY A 14 -1.56 -2.14 0.99
CA GLY A 14 -2.37 -3.33 0.83
C GLY A 14 -1.93 -4.42 1.79
N LYS A 15 -0.62 -4.60 1.90
CA LYS A 15 -0.08 -5.60 2.81
C LYS A 15 -0.21 -5.13 4.25
N GLU A 16 0.31 -3.94 4.52
CA GLU A 16 0.24 -3.38 5.87
C GLU A 16 -1.22 -3.22 6.28
N PHE A 17 -2.04 -2.77 5.32
CA PHE A 17 -3.46 -2.57 5.58
C PHE A 17 -4.11 -3.87 6.04
N LYS A 18 -3.83 -4.95 5.32
CA LYS A 18 -4.40 -6.25 5.67
C LYS A 18 -3.96 -6.68 7.06
N ARG A 19 -2.77 -6.26 7.46
CA ARG A 19 -2.24 -6.59 8.78
C ARG A 19 -2.78 -5.61 9.83
N ILE A 20 -2.66 -4.33 9.52
CA ILE A 20 -3.12 -3.29 10.43
C ILE A 20 -4.64 -3.35 10.62
N VAL A 21 -5.34 -3.75 9.56
CA VAL A 21 -6.79 -3.85 9.62
C VAL A 21 -7.22 -5.26 10.01
N GLN A 22 -6.25 -6.02 10.51
CA GLN A 22 -6.46 -7.40 10.96
C GLN A 22 -7.70 -8.05 10.34
N ARG A 23 -7.98 -7.74 9.07
CA ARG A 23 -9.12 -8.32 8.37
C ARG A 23 -9.47 -7.50 7.13
N LEU A 1 8.28 9.21 -12.99
CA LEU A 1 6.83 9.40 -12.73
C LEU A 1 6.54 9.08 -11.26
N LEU A 2 5.80 9.98 -10.60
CA LEU A 2 5.46 9.77 -9.20
C LEU A 2 4.47 8.63 -9.03
N GLY A 3 3.36 8.75 -9.71
CA GLY A 3 2.31 7.74 -9.65
C GLY A 3 2.93 6.35 -9.51
N ASP A 4 4.06 6.14 -10.16
CA ASP A 4 4.75 4.86 -10.08
C ASP A 4 5.15 4.61 -8.62
N PHE A 5 5.61 5.66 -7.95
CA PHE A 5 5.99 5.58 -6.56
C PHE A 5 4.81 5.07 -5.74
N PHE A 6 3.67 5.72 -5.93
CA PHE A 6 2.47 5.33 -5.21
C PHE A 6 2.21 3.85 -5.36
N ARG A 7 2.29 3.36 -6.60
CA ARG A 7 2.06 1.94 -6.86
C ARG A 7 2.91 1.08 -5.93
N LYS A 8 4.16 1.49 -5.73
CA LYS A 8 5.05 0.75 -4.85
C LYS A 8 4.58 0.87 -3.40
N SER A 9 4.24 2.09 -2.99
CA SER A 9 3.77 2.31 -1.63
C SER A 9 2.36 1.77 -1.45
N LYS A 10 1.46 2.16 -2.35
CA LYS A 10 0.08 1.68 -2.29
C LYS A 10 0.07 0.17 -2.13
N GLU A 11 1.07 -0.49 -2.71
CA GLU A 11 1.16 -1.94 -2.60
C GLU A 11 1.62 -2.31 -1.20
N LYS A 12 2.54 -1.51 -0.67
CA LYS A 12 3.06 -1.76 0.68
C LYS A 12 1.95 -1.59 1.71
N ILE A 13 1.11 -0.56 1.51
CA ILE A 13 0.02 -0.31 2.42
C ILE A 13 -1.02 -1.42 2.30
N GLY A 14 -1.32 -1.82 1.07
CA GLY A 14 -2.31 -2.86 0.84
C GLY A 14 -2.02 -4.08 1.70
N LYS A 15 -0.76 -4.49 1.73
CA LYS A 15 -0.37 -5.65 2.53
C LYS A 15 -0.37 -5.27 4.01
N GLU A 16 0.32 -4.18 4.35
CA GLU A 16 0.37 -3.74 5.73
C GLU A 16 -1.03 -3.41 6.21
N PHE A 17 -1.80 -2.75 5.35
CA PHE A 17 -3.17 -2.38 5.69
C PHE A 17 -3.98 -3.61 6.06
N LYS A 18 -3.94 -4.62 5.21
CA LYS A 18 -4.69 -5.85 5.46
C LYS A 18 -4.36 -6.42 6.83
N ARG A 19 -3.13 -6.18 7.30
CA ARG A 19 -2.72 -6.67 8.61
C ARG A 19 -3.03 -5.64 9.69
N ILE A 20 -3.02 -4.37 9.31
CA ILE A 20 -3.31 -3.29 10.23
C ILE A 20 -4.81 -3.22 10.52
N VAL A 21 -5.62 -3.49 9.50
CA VAL A 21 -7.07 -3.45 9.64
C VAL A 21 -7.66 -4.85 9.49
N GLN A 22 -7.39 -5.71 10.48
CA GLN A 22 -7.90 -7.08 10.44
C GLN A 22 -9.27 -7.17 11.10
N ARG A 23 -10.31 -6.88 10.32
CA ARG A 23 -11.67 -6.93 10.84
C ARG A 23 -11.96 -8.30 11.44
N LEU A 1 5.98 9.19 -13.55
CA LEU A 1 5.40 10.18 -12.60
C LEU A 1 5.33 9.55 -11.20
N LEU A 2 4.95 10.35 -10.22
CA LEU A 2 4.86 9.87 -8.84
C LEU A 2 3.89 8.70 -8.75
N GLY A 3 2.73 8.88 -9.36
CA GLY A 3 1.70 7.85 -9.33
C GLY A 3 2.31 6.45 -9.33
N ASP A 4 3.44 6.29 -10.02
CA ASP A 4 4.12 5.01 -10.05
C ASP A 4 4.73 4.72 -8.68
N PHE A 5 5.27 5.75 -8.05
CA PHE A 5 5.87 5.61 -6.73
C PHE A 5 4.86 5.05 -5.75
N PHE A 6 3.70 5.68 -5.69
CA PHE A 6 2.65 5.23 -4.78
C PHE A 6 2.28 3.78 -5.05
N ARG A 7 2.15 3.41 -6.32
CA ARG A 7 1.81 2.06 -6.67
C ARG A 7 2.75 1.07 -5.96
N LYS A 8 4.04 1.40 -5.94
CA LYS A 8 5.00 0.54 -5.28
C LYS A 8 4.79 0.58 -3.78
N SER A 9 4.60 1.78 -3.24
CA SER A 9 4.39 1.94 -1.80
C SER A 9 2.99 1.44 -1.41
N LYS A 10 1.97 1.92 -2.12
CA LYS A 10 0.61 1.52 -1.84
C LYS A 10 0.52 0.00 -1.79
N GLU A 11 1.35 -0.66 -2.59
CA GLU A 11 1.37 -2.12 -2.60
C GLU A 11 1.89 -2.63 -1.27
N LYS A 12 3.06 -2.12 -0.87
CA LYS A 12 3.65 -2.51 0.40
C LYS A 12 2.66 -2.24 1.53
N ILE A 13 2.04 -1.07 1.50
CA ILE A 13 1.06 -0.69 2.49
C ILE A 13 -0.17 -1.58 2.33
N GLY A 14 -0.47 -1.95 1.09
CA GLY A 14 -1.62 -2.79 0.82
C GLY A 14 -1.60 -4.02 1.72
N LYS A 15 -0.43 -4.62 1.88
CA LYS A 15 -0.29 -5.79 2.73
C LYS A 15 -0.42 -5.39 4.19
N GLU A 16 0.44 -4.46 4.62
CA GLU A 16 0.39 -4.00 6.00
C GLU A 16 -0.99 -3.42 6.30
N PHE A 17 -1.53 -2.69 5.34
CA PHE A 17 -2.84 -2.09 5.47
C PHE A 17 -3.91 -3.15 5.73
N LYS A 18 -3.89 -4.19 4.92
CA LYS A 18 -4.88 -5.26 5.07
C LYS A 18 -4.91 -5.77 6.51
N ARG A 19 -3.74 -5.82 7.15
CA ARG A 19 -3.66 -6.29 8.53
C ARG A 19 -4.04 -5.16 9.49
N ILE A 20 -3.77 -3.93 9.06
CA ILE A 20 -4.07 -2.76 9.89
C ILE A 20 -5.55 -2.38 9.76
N VAL A 21 -6.09 -2.55 8.56
CA VAL A 21 -7.49 -2.21 8.30
C VAL A 21 -8.40 -3.40 8.60
N GLN A 22 -8.25 -3.96 9.80
CA GLN A 22 -9.07 -5.10 10.19
C GLN A 22 -10.54 -4.70 10.34
N ARG A 23 -11.15 -4.29 9.22
CA ARG A 23 -12.54 -3.88 9.23
C ARG A 23 -12.76 -2.78 10.28
N LEU A 1 8.79 11.43 -11.98
CA LEU A 1 7.54 10.63 -11.97
C LEU A 1 7.23 10.16 -10.56
N LEU A 2 5.95 10.19 -10.20
CA LEU A 2 5.51 9.78 -8.87
C LEU A 2 4.54 8.63 -8.95
N GLY A 3 3.58 8.76 -9.84
CA GLY A 3 2.55 7.73 -10.00
C GLY A 3 3.13 6.35 -9.76
N ASP A 4 4.39 6.15 -10.15
CA ASP A 4 5.04 4.87 -9.93
C ASP A 4 5.28 4.65 -8.45
N PHE A 5 5.70 5.71 -7.76
CA PHE A 5 5.95 5.65 -6.33
C PHE A 5 4.72 5.12 -5.59
N PHE A 6 3.58 5.72 -5.89
CA PHE A 6 2.32 5.32 -5.26
C PHE A 6 2.06 3.83 -5.48
N ARG A 7 2.20 3.39 -6.73
CA ARG A 7 1.95 1.98 -7.04
C ARG A 7 2.74 1.09 -6.08
N LYS A 8 3.98 1.48 -5.81
CA LYS A 8 4.82 0.72 -4.90
C LYS A 8 4.33 0.88 -3.47
N SER A 9 3.92 2.09 -3.12
CA SER A 9 3.42 2.36 -1.78
C SER A 9 2.02 1.76 -1.59
N LYS A 10 1.12 2.07 -2.51
CA LYS A 10 -0.24 1.55 -2.42
C LYS A 10 -0.20 0.04 -2.23
N GLU A 11 0.76 -0.61 -2.88
CA GLU A 11 0.90 -2.05 -2.75
C GLU A 11 1.46 -2.40 -1.37
N LYS A 12 2.52 -1.69 -0.99
CA LYS A 12 3.14 -1.92 0.32
C LYS A 12 2.11 -1.71 1.42
N ILE A 13 1.40 -0.59 1.36
CA ILE A 13 0.38 -0.29 2.34
C ILE A 13 -0.69 -1.37 2.29
N GLY A 14 -0.92 -1.91 1.11
CA GLY A 14 -1.91 -2.97 0.93
C GLY A 14 -1.64 -4.08 1.93
N LYS A 15 -0.39 -4.48 2.00
CA LYS A 15 0.01 -5.54 2.90
C LYS A 15 -0.24 -5.13 4.34
N GLU A 16 0.35 -4.01 4.76
CA GLU A 16 0.17 -3.53 6.11
C GLU A 16 -1.30 -3.20 6.32
N PHE A 17 -1.87 -2.49 5.36
CA PHE A 17 -3.28 -2.12 5.42
C PHE A 17 -4.14 -3.33 5.73
N LYS A 18 -3.74 -4.49 5.22
CA LYS A 18 -4.51 -5.70 5.44
C LYS A 18 -4.39 -6.20 6.88
N ARG A 19 -3.17 -6.44 7.35
CA ARG A 19 -2.96 -6.92 8.71
C ARG A 19 -3.34 -5.86 9.74
N ILE A 20 -2.91 -4.62 9.50
CA ILE A 20 -3.22 -3.54 10.42
C ILE A 20 -4.73 -3.37 10.59
N VAL A 21 -5.46 -3.44 9.49
CA VAL A 21 -6.92 -3.29 9.53
C VAL A 21 -7.57 -4.64 9.84
N GLN A 22 -6.86 -5.47 10.59
CA GLN A 22 -7.35 -6.79 10.96
C GLN A 22 -8.33 -7.33 9.91
N ARG A 23 -7.84 -7.49 8.69
CA ARG A 23 -8.68 -8.00 7.60
C ARG A 23 -9.82 -7.03 7.32
N LEU A 1 8.42 9.36 -12.65
CA LEU A 1 7.01 9.72 -12.35
C LEU A 1 6.70 9.36 -10.90
N LEU A 2 5.75 10.08 -10.31
CA LEU A 2 5.37 9.83 -8.92
C LEU A 2 4.35 8.71 -8.83
N GLY A 3 3.25 8.88 -9.53
CA GLY A 3 2.18 7.89 -9.53
C GLY A 3 2.76 6.48 -9.44
N ASP A 4 3.91 6.29 -10.08
CA ASP A 4 4.57 4.98 -10.04
C ASP A 4 4.96 4.67 -8.60
N PHE A 5 5.48 5.69 -7.90
CA PHE A 5 5.87 5.54 -6.51
C PHE A 5 4.71 5.00 -5.71
N PHE A 6 3.56 5.64 -5.88
CA PHE A 6 2.35 5.23 -5.16
C PHE A 6 2.11 3.74 -5.35
N ARG A 7 2.12 3.28 -6.60
CA ARG A 7 1.88 1.88 -6.89
C ARG A 7 2.79 1.00 -6.03
N LYS A 8 4.04 1.43 -5.86
CA LYS A 8 4.99 0.67 -5.05
C LYS A 8 4.62 0.79 -3.58
N SER A 9 4.29 2.00 -3.14
CA SER A 9 3.91 2.23 -1.75
C SER A 9 2.54 1.65 -1.46
N LYS A 10 1.57 2.00 -2.29
CA LYS A 10 0.20 1.49 -2.11
C LYS A 10 0.24 -0.02 -1.97
N GLU A 11 1.12 -0.67 -2.71
CA GLU A 11 1.26 -2.11 -2.63
C GLU A 11 1.76 -2.50 -1.25
N LYS A 12 2.76 -1.77 -0.77
CA LYS A 12 3.33 -2.02 0.55
C LYS A 12 2.27 -1.79 1.62
N ILE A 13 1.53 -0.70 1.49
CA ILE A 13 0.48 -0.38 2.43
C ILE A 13 -0.63 -1.43 2.33
N GLY A 14 -0.92 -1.85 1.11
CA GLY A 14 -1.96 -2.85 0.89
C GLY A 14 -1.76 -4.04 1.82
N LYS A 15 -0.55 -4.58 1.84
CA LYS A 15 -0.26 -5.70 2.70
C LYS A 15 -0.44 -5.31 4.16
N GLU A 16 0.28 -4.27 4.58
CA GLU A 16 0.16 -3.80 5.95
C GLU A 16 -1.29 -3.43 6.22
N PHE A 17 -1.87 -2.63 5.34
CA PHE A 17 -3.25 -2.22 5.47
C PHE A 17 -4.12 -3.42 5.79
N LYS A 18 -3.96 -4.48 5.02
CA LYS A 18 -4.74 -5.69 5.24
C LYS A 18 -4.42 -6.27 6.61
N ARG A 19 -3.25 -5.90 7.16
CA ARG A 19 -2.83 -6.39 8.46
C ARG A 19 -3.18 -5.39 9.57
N ILE A 20 -3.18 -4.10 9.23
CA ILE A 20 -3.49 -3.07 10.23
C ILE A 20 -5.00 -2.98 10.45
N VAL A 21 -5.75 -2.92 9.36
CA VAL A 21 -7.20 -2.83 9.44
C VAL A 21 -7.85 -4.17 9.10
N GLN A 22 -7.46 -5.20 9.81
CA GLN A 22 -8.01 -6.54 9.56
C GLN A 22 -9.51 -6.56 9.86
N ARG A 23 -10.30 -6.24 8.85
CA ARG A 23 -11.75 -6.24 9.00
C ARG A 23 -12.24 -7.59 9.52
N LEU A 1 6.09 10.01 -13.75
CA LEU A 1 4.77 9.52 -13.27
C LEU A 1 4.91 9.01 -11.84
N LEU A 2 4.67 9.90 -10.88
CA LEU A 2 4.76 9.53 -9.47
C LEU A 2 3.76 8.43 -9.13
N GLY A 3 2.55 8.63 -9.56
CA GLY A 3 1.47 7.68 -9.29
C GLY A 3 2.01 6.25 -9.25
N ASP A 4 3.00 5.96 -10.09
CA ASP A 4 3.60 4.63 -10.11
C ASP A 4 4.46 4.44 -8.86
N PHE A 5 5.19 5.49 -8.51
CA PHE A 5 6.04 5.47 -7.32
C PHE A 5 5.22 5.05 -6.10
N PHE A 6 4.07 5.70 -5.94
CA PHE A 6 3.19 5.40 -4.82
C PHE A 6 2.64 3.98 -4.94
N ARG A 7 2.23 3.60 -6.14
CA ARG A 7 1.69 2.26 -6.35
C ARG A 7 2.63 1.22 -5.76
N LYS A 8 3.92 1.53 -5.77
CA LYS A 8 4.92 0.63 -5.22
C LYS A 8 4.88 0.69 -3.70
N SER A 9 4.87 1.91 -3.16
CA SER A 9 4.82 2.09 -1.72
C SER A 9 3.45 1.69 -1.18
N LYS A 10 2.40 2.24 -1.78
CA LYS A 10 1.05 1.91 -1.35
C LYS A 10 0.87 0.39 -1.31
N GLU A 11 1.45 -0.28 -2.30
CA GLU A 11 1.38 -1.73 -2.35
C GLU A 11 1.90 -2.31 -1.04
N LYS A 12 3.10 -1.89 -0.66
CA LYS A 12 3.70 -2.35 0.59
C LYS A 12 2.74 -2.10 1.75
N ILE A 13 2.16 -0.90 1.77
CA ILE A 13 1.21 -0.53 2.80
C ILE A 13 -0.06 -1.36 2.64
N GLY A 14 -0.43 -1.59 1.38
CA GLY A 14 -1.63 -2.36 1.08
C GLY A 14 -1.64 -3.67 1.86
N LYS A 15 -0.51 -4.37 1.83
CA LYS A 15 -0.40 -5.63 2.54
C LYS A 15 -0.50 -5.39 4.05
N GLU A 16 0.39 -4.55 4.57
CA GLU A 16 0.35 -4.25 6.00
C GLU A 16 -1.00 -3.65 6.35
N PHE A 17 -1.45 -2.72 5.52
CA PHE A 17 -2.74 -2.06 5.73
C PHE A 17 -3.86 -3.07 5.82
N LYS A 18 -3.90 -4.01 4.89
CA LYS A 18 -4.96 -5.02 4.88
C LYS A 18 -5.06 -5.66 6.26
N ARG A 19 -3.96 -6.21 6.73
CA ARG A 19 -3.94 -6.85 8.04
C ARG A 19 -4.25 -5.83 9.14
N ILE A 20 -4.12 -4.55 8.80
CA ILE A 20 -4.37 -3.49 9.75
C ILE A 20 -5.83 -3.04 9.67
N VAL A 21 -6.46 -3.30 8.54
CA VAL A 21 -7.85 -2.92 8.33
C VAL A 21 -8.68 -4.08 7.77
N GLN A 22 -8.27 -5.30 8.10
CA GLN A 22 -8.99 -6.48 7.63
C GLN A 22 -8.73 -7.67 8.54
N ARG A 23 -8.20 -7.38 9.71
CA ARG A 23 -7.89 -8.41 10.71
C ARG A 23 -7.68 -9.77 10.05
N LEU A 1 7.26 9.97 -12.53
CA LEU A 1 5.99 10.52 -11.97
C LEU A 1 5.70 9.85 -10.63
N LEU A 2 5.02 10.57 -9.75
CA LEU A 2 4.68 10.02 -8.45
C LEU A 2 3.85 8.75 -8.58
N GLY A 3 2.85 8.81 -9.42
CA GLY A 3 1.95 7.67 -9.62
C GLY A 3 2.72 6.36 -9.49
N ASP A 4 3.98 6.35 -9.93
CA ASP A 4 4.80 5.15 -9.83
C ASP A 4 5.12 4.88 -8.36
N PHE A 5 5.39 5.96 -7.63
CA PHE A 5 5.71 5.86 -6.21
C PHE A 5 4.57 5.17 -5.47
N PHE A 6 3.35 5.58 -5.77
CA PHE A 6 2.19 5.00 -5.12
C PHE A 6 2.09 3.51 -5.41
N ARG A 7 2.35 3.13 -6.66
CA ARG A 7 2.28 1.72 -7.03
C ARG A 7 3.12 0.87 -6.08
N LYS A 8 4.37 1.27 -5.85
CA LYS A 8 5.24 0.52 -4.96
C LYS A 8 4.76 0.65 -3.52
N SER A 9 4.27 1.84 -3.16
CA SER A 9 3.78 2.07 -1.81
C SER A 9 2.43 1.40 -1.59
N LYS A 10 1.50 1.66 -2.50
CA LYS A 10 0.16 1.08 -2.41
C LYS A 10 0.25 -0.43 -2.23
N GLU A 11 1.23 -1.05 -2.88
CA GLU A 11 1.41 -2.50 -2.76
C GLU A 11 1.90 -2.83 -1.35
N LYS A 12 2.98 -2.19 -0.93
CA LYS A 12 3.53 -2.42 0.40
C LYS A 12 2.49 -2.10 1.46
N ILE A 13 1.84 -0.94 1.32
CA ILE A 13 0.82 -0.54 2.26
C ILE A 13 -0.38 -1.48 2.16
N GLY A 14 -0.68 -1.92 0.95
CA GLY A 14 -1.81 -2.81 0.74
C GLY A 14 -1.77 -3.97 1.72
N LYS A 15 -0.62 -4.63 1.80
CA LYS A 15 -0.49 -5.77 2.71
C LYS A 15 -0.39 -5.28 4.15
N GLU A 16 0.22 -4.12 4.35
CA GLU A 16 0.37 -3.57 5.69
C GLU A 16 -0.94 -2.98 6.20
N PHE A 17 -1.63 -2.23 5.32
CA PHE A 17 -2.88 -1.60 5.69
C PHE A 17 -4.00 -2.63 5.81
N LYS A 18 -3.86 -3.77 5.15
CA LYS A 18 -4.89 -4.82 5.22
C LYS A 18 -4.86 -5.49 6.60
N ARG A 19 -3.66 -5.83 7.07
CA ARG A 19 -3.52 -6.48 8.36
C ARG A 19 -3.79 -5.50 9.49
N ILE A 20 -3.14 -4.34 9.44
CA ILE A 20 -3.32 -3.32 10.46
C ILE A 20 -4.80 -2.99 10.64
N VAL A 21 -5.53 -2.93 9.53
CA VAL A 21 -6.95 -2.63 9.57
C VAL A 21 -7.76 -3.92 9.65
N GLN A 22 -7.92 -4.44 10.85
CA GLN A 22 -8.67 -5.68 11.05
C GLN A 22 -10.16 -5.39 11.09
N ARG A 23 -10.78 -5.28 9.92
CA ARG A 23 -12.21 -5.00 9.83
C ARG A 23 -12.98 -5.74 10.92
N LEU A 1 8.07 10.09 -11.99
CA LEU A 1 6.67 10.49 -11.69
C LEU A 1 6.24 9.84 -10.37
N LEU A 2 5.36 10.51 -9.65
CA LEU A 2 4.87 9.99 -8.37
C LEU A 2 4.07 8.72 -8.59
N GLY A 3 3.18 8.76 -9.55
CA GLY A 3 2.31 7.62 -9.84
C GLY A 3 3.06 6.31 -9.62
N ASP A 4 4.36 6.30 -9.92
CA ASP A 4 5.17 5.10 -9.71
C ASP A 4 5.35 4.85 -8.22
N PHE A 5 5.47 5.93 -7.46
CA PHE A 5 5.63 5.85 -6.01
C PHE A 5 4.43 5.14 -5.39
N PHE A 6 3.25 5.61 -5.73
CA PHE A 6 2.02 5.03 -5.20
C PHE A 6 1.95 3.54 -5.49
N ARG A 7 2.20 3.14 -6.73
CA ARG A 7 2.16 1.73 -7.08
C ARG A 7 3.01 0.92 -6.11
N LYS A 8 4.21 1.43 -5.83
CA LYS A 8 5.10 0.75 -4.91
C LYS A 8 4.58 0.87 -3.48
N SER A 9 4.03 2.03 -3.16
CA SER A 9 3.49 2.26 -1.82
C SER A 9 2.19 1.50 -1.61
N LYS A 10 1.26 1.65 -2.54
CA LYS A 10 -0.02 0.97 -2.43
C LYS A 10 0.20 -0.53 -2.21
N GLU A 11 1.20 -1.08 -2.89
CA GLU A 11 1.51 -2.50 -2.72
C GLU A 11 1.95 -2.78 -1.30
N LYS A 12 2.91 -1.99 -0.82
CA LYS A 12 3.41 -2.15 0.54
C LYS A 12 2.30 -1.88 1.55
N ILE A 13 1.58 -0.79 1.36
CA ILE A 13 0.49 -0.44 2.24
C ILE A 13 -0.65 -1.44 2.09
N GLY A 14 -0.87 -1.88 0.86
CA GLY A 14 -1.94 -2.84 0.59
C GLY A 14 -1.87 -4.02 1.55
N LYS A 15 -0.68 -4.58 1.70
CA LYS A 15 -0.49 -5.71 2.59
C LYS A 15 -0.65 -5.25 4.03
N GLU A 16 0.17 -4.27 4.43
CA GLU A 16 0.10 -3.74 5.78
C GLU A 16 -1.30 -3.23 6.07
N PHE A 17 -1.88 -2.53 5.10
CA PHE A 17 -3.22 -1.99 5.26
C PHE A 17 -4.19 -3.09 5.71
N LYS A 18 -4.05 -4.27 5.12
CA LYS A 18 -4.95 -5.38 5.45
C LYS A 18 -4.75 -5.84 6.90
N ARG A 19 -3.50 -5.92 7.34
CA ARG A 19 -3.23 -6.37 8.70
C ARG A 19 -3.24 -5.20 9.69
N ILE A 20 -2.54 -4.13 9.36
CA ILE A 20 -2.49 -2.96 10.21
C ILE A 20 -3.88 -2.44 10.54
N VAL A 21 -4.79 -2.52 9.56
CA VAL A 21 -6.15 -2.05 9.75
C VAL A 21 -7.03 -3.17 10.30
N GLN A 22 -6.38 -4.15 10.92
CA GLN A 22 -7.08 -5.30 11.50
C GLN A 22 -8.59 -5.15 11.43
N ARG A 23 -9.14 -5.33 10.24
CA ARG A 23 -10.59 -5.20 10.04
C ARG A 23 -11.33 -6.15 10.97
N LEU A 1 6.70 10.49 -13.03
CA LEU A 1 5.43 9.75 -12.79
C LEU A 1 5.36 9.33 -11.33
N LEU A 2 5.06 10.27 -10.45
CA LEU A 2 4.95 9.98 -9.03
C LEU A 2 4.04 8.80 -8.78
N GLY A 3 2.82 8.91 -9.27
CA GLY A 3 1.82 7.87 -9.09
C GLY A 3 2.48 6.49 -9.14
N ASP A 4 3.51 6.36 -9.98
CA ASP A 4 4.22 5.08 -10.07
C ASP A 4 4.80 4.75 -8.71
N PHE A 5 5.35 5.76 -8.05
CA PHE A 5 5.91 5.58 -6.72
C PHE A 5 4.85 5.05 -5.78
N PHE A 6 3.70 5.71 -5.80
CA PHE A 6 2.59 5.30 -4.95
C PHE A 6 2.24 3.83 -5.19
N ARG A 7 2.14 3.44 -6.45
CA ARG A 7 1.79 2.06 -6.78
C ARG A 7 2.72 1.10 -6.03
N LYS A 8 3.99 1.46 -5.96
CA LYS A 8 4.96 0.63 -5.25
C LYS A 8 4.70 0.67 -3.76
N SER A 9 4.46 1.87 -3.24
CA SER A 9 4.19 2.05 -1.82
C SER A 9 2.83 1.46 -1.45
N LYS A 10 1.80 1.81 -2.21
CA LYS A 10 0.46 1.30 -1.94
C LYS A 10 0.52 -0.22 -1.81
N GLU A 11 1.32 -0.85 -2.65
CA GLU A 11 1.46 -2.30 -2.61
C GLU A 11 1.97 -2.73 -1.24
N LYS A 12 3.09 -2.14 -0.82
CA LYS A 12 3.66 -2.46 0.48
C LYS A 12 2.64 -2.18 1.59
N ILE A 13 2.01 -1.01 1.51
CA ILE A 13 1.02 -0.62 2.48
C ILE A 13 -0.20 -1.53 2.35
N GLY A 14 -0.49 -1.93 1.11
CA GLY A 14 -1.63 -2.80 0.86
C GLY A 14 -1.60 -4.00 1.79
N LYS A 15 -0.45 -4.64 1.89
CA LYS A 15 -0.30 -5.79 2.76
C LYS A 15 -0.44 -5.38 4.22
N GLU A 16 0.40 -4.43 4.64
CA GLU A 16 0.34 -3.95 6.01
C GLU A 16 -1.04 -3.38 6.30
N PHE A 17 -1.55 -2.61 5.33
CA PHE A 17 -2.88 -2.01 5.46
C PHE A 17 -3.93 -3.08 5.73
N LYS A 18 -3.88 -4.16 4.97
CA LYS A 18 -4.83 -5.25 5.13
C LYS A 18 -4.89 -5.72 6.58
N ARG A 19 -3.73 -5.95 7.18
CA ARG A 19 -3.67 -6.41 8.57
C ARG A 19 -3.97 -5.27 9.53
N ILE A 20 -3.73 -4.04 9.09
CA ILE A 20 -3.98 -2.87 9.93
C ILE A 20 -5.46 -2.51 9.92
N VAL A 21 -6.11 -2.78 8.79
CA VAL A 21 -7.54 -2.48 8.64
C VAL A 21 -8.35 -3.76 8.43
N GLN A 22 -8.38 -4.60 9.45
CA GLN A 22 -9.12 -5.85 9.37
C GLN A 22 -10.62 -5.60 9.51
N ARG A 23 -11.24 -5.18 8.42
CA ARG A 23 -12.67 -4.90 8.42
C ARG A 23 -13.02 -3.85 9.47
N LEU A 1 6.21 9.00 -13.85
CA LEU A 1 5.06 9.61 -13.14
C LEU A 1 5.05 9.17 -11.69
N LEU A 2 5.15 10.14 -10.78
CA LEU A 2 5.16 9.84 -9.35
C LEU A 2 4.20 8.73 -9.01
N GLY A 3 2.97 8.90 -9.43
CA GLY A 3 1.92 7.92 -9.15
C GLY A 3 2.48 6.51 -9.18
N ASP A 4 3.46 6.26 -10.05
CA ASP A 4 4.08 4.95 -10.12
C ASP A 4 4.71 4.64 -8.77
N PHE A 5 5.42 5.63 -8.22
CA PHE A 5 6.06 5.48 -6.93
C PHE A 5 5.03 5.02 -5.91
N PHE A 6 3.91 5.73 -5.87
CA PHE A 6 2.84 5.39 -4.94
C PHE A 6 2.41 3.95 -5.15
N ARG A 7 2.29 3.54 -6.42
CA ARG A 7 1.87 2.18 -6.72
C ARG A 7 2.74 1.19 -5.96
N LYS A 8 4.02 1.50 -5.85
CA LYS A 8 4.95 0.64 -5.12
C LYS A 8 4.67 0.73 -3.62
N SER A 9 4.47 1.95 -3.14
CA SER A 9 4.20 2.17 -1.73
C SER A 9 2.82 1.64 -1.36
N LYS A 10 1.80 2.05 -2.12
CA LYS A 10 0.45 1.59 -1.86
C LYS A 10 0.42 0.07 -1.72
N GLU A 11 1.17 -0.60 -2.58
CA GLU A 11 1.24 -2.06 -2.53
C GLU A 11 1.74 -2.51 -1.17
N LYS A 12 2.90 -1.98 -0.76
CA LYS A 12 3.46 -2.32 0.53
C LYS A 12 2.42 -2.08 1.62
N ILE A 13 1.79 -0.91 1.58
CA ILE A 13 0.77 -0.58 2.53
C ILE A 13 -0.38 -1.55 2.40
N GLY A 14 -0.59 -2.04 1.18
CA GLY A 14 -1.68 -2.97 0.91
C GLY A 14 -1.60 -4.18 1.82
N LYS A 15 -0.41 -4.73 1.97
CA LYS A 15 -0.24 -5.90 2.81
C LYS A 15 -0.39 -5.52 4.29
N GLU A 16 0.20 -4.39 4.68
CA GLU A 16 0.08 -3.94 6.05
C GLU A 16 -1.34 -3.46 6.28
N PHE A 17 -1.80 -2.61 5.38
CA PHE A 17 -3.15 -2.08 5.44
C PHE A 17 -4.14 -3.21 5.71
N LYS A 18 -4.01 -4.29 4.96
CA LYS A 18 -4.88 -5.43 5.15
C LYS A 18 -4.61 -6.08 6.50
N ARG A 19 -3.43 -5.80 7.03
CA ARG A 19 -3.03 -6.34 8.33
C ARG A 19 -3.41 -5.38 9.45
N ILE A 20 -3.60 -4.10 9.10
CA ILE A 20 -3.97 -3.09 10.09
C ILE A 20 -5.48 -2.87 10.08
N VAL A 21 -6.04 -2.76 8.89
CA VAL A 21 -7.48 -2.53 8.75
C VAL A 21 -8.25 -3.84 8.86
N GLN A 22 -7.76 -4.74 9.71
CA GLN A 22 -8.40 -6.03 9.90
C GLN A 22 -9.92 -5.86 9.98
N ARG A 23 -10.59 -5.91 8.82
CA ARG A 23 -12.04 -5.78 8.78
C ARG A 23 -12.71 -6.86 9.61
N LEU A 1 8.91 10.80 -11.77
CA LEU A 1 7.75 9.90 -12.00
C LEU A 1 7.25 9.38 -10.66
N LEU A 2 6.30 10.09 -10.08
CA LEU A 2 5.73 9.70 -8.79
C LEU A 2 4.75 8.55 -8.94
N GLY A 3 3.86 8.69 -9.90
CA GLY A 3 2.84 7.68 -10.14
C GLY A 3 3.39 6.28 -9.87
N ASP A 4 4.66 6.07 -10.16
CA ASP A 4 5.29 4.77 -9.92
C ASP A 4 5.46 4.56 -8.42
N PHE A 5 5.72 5.65 -7.71
CA PHE A 5 5.90 5.59 -6.26
C PHE A 5 4.63 5.10 -5.59
N PHE A 6 3.51 5.72 -5.96
CA PHE A 6 2.22 5.35 -5.37
C PHE A 6 1.91 3.87 -5.59
N ARG A 7 1.98 3.42 -6.84
CA ARG A 7 1.68 2.02 -7.13
C ARG A 7 2.50 1.12 -6.21
N LYS A 8 3.75 1.48 -6.00
CA LYS A 8 4.63 0.71 -5.13
C LYS A 8 4.25 0.91 -3.67
N SER A 9 3.92 2.15 -3.33
CA SER A 9 3.52 2.48 -1.96
C SER A 9 2.13 1.94 -1.67
N LYS A 10 1.17 2.27 -2.53
CA LYS A 10 -0.20 1.81 -2.35
C LYS A 10 -0.21 0.30 -2.13
N GLU A 11 0.64 -0.41 -2.86
CA GLU A 11 0.72 -1.85 -2.71
C GLU A 11 1.30 -2.18 -1.35
N LYS A 12 2.35 -1.45 -0.97
CA LYS A 12 2.98 -1.65 0.33
C LYS A 12 1.94 -1.53 1.44
N ILE A 13 1.10 -0.50 1.34
CA ILE A 13 0.06 -0.27 2.31
C ILE A 13 -0.85 -1.50 2.37
N GLY A 14 -1.33 -1.92 1.21
CA GLY A 14 -2.24 -3.05 1.16
C GLY A 14 -1.70 -4.21 1.98
N LYS A 15 -0.38 -4.34 2.02
CA LYS A 15 0.20 -5.42 2.81
C LYS A 15 -0.02 -5.15 4.29
N GLU A 16 0.45 -4.00 4.76
CA GLU A 16 0.26 -3.67 6.16
C GLU A 16 -1.22 -3.44 6.42
N PHE A 17 -1.83 -2.61 5.60
CA PHE A 17 -3.25 -2.32 5.74
C PHE A 17 -4.03 -3.61 5.89
N LYS A 18 -3.54 -4.70 5.28
CA LYS A 18 -4.21 -5.99 5.40
C LYS A 18 -4.02 -6.56 6.81
N ARG A 19 -2.86 -6.26 7.40
CA ARG A 19 -2.55 -6.77 8.74
C ARG A 19 -3.05 -5.83 9.83
N ILE A 20 -3.21 -4.55 9.51
CA ILE A 20 -3.66 -3.58 10.51
C ILE A 20 -5.19 -3.63 10.65
N VAL A 21 -5.89 -3.61 9.52
CA VAL A 21 -7.35 -3.64 9.52
C VAL A 21 -7.87 -5.07 9.54
N GLN A 22 -7.35 -5.86 10.48
CA GLN A 22 -7.78 -7.25 10.61
C GLN A 22 -9.26 -7.35 10.95
N ARG A 23 -10.11 -6.98 10.00
CA ARG A 23 -11.55 -7.02 10.22
C ARG A 23 -12.27 -7.45 8.94
N LEU A 1 7.06 8.80 -13.73
CA LEU A 1 6.03 9.65 -13.07
C LEU A 1 5.75 9.12 -11.67
N LEU A 2 5.67 10.03 -10.71
CA LEU A 2 5.41 9.65 -9.32
C LEU A 2 4.39 8.52 -9.24
N GLY A 3 3.33 8.67 -9.98
CA GLY A 3 2.25 7.67 -9.99
C GLY A 3 2.82 6.27 -9.78
N ASP A 4 4.01 6.02 -10.33
CA ASP A 4 4.63 4.72 -10.17
C ASP A 4 5.07 4.52 -8.72
N PHE A 5 5.61 5.59 -8.13
CA PHE A 5 6.07 5.56 -6.75
C PHE A 5 4.93 5.10 -5.83
N PHE A 6 3.78 5.74 -5.97
CA PHE A 6 2.63 5.41 -5.16
C PHE A 6 2.25 3.94 -5.31
N ARG A 7 2.17 3.47 -6.55
CA ARG A 7 1.81 2.08 -6.80
C ARG A 7 2.70 1.15 -5.95
N LYS A 8 3.97 1.52 -5.84
CA LYS A 8 4.90 0.73 -5.05
C LYS A 8 4.59 0.88 -3.57
N SER A 9 4.35 2.12 -3.13
CA SER A 9 4.04 2.37 -1.74
C SER A 9 2.63 1.88 -1.41
N LYS A 10 1.65 2.30 -2.21
CA LYS A 10 0.28 1.88 -1.99
C LYS A 10 0.23 0.36 -1.85
N GLU A 11 1.12 -0.32 -2.57
CA GLU A 11 1.18 -1.78 -2.49
C GLU A 11 1.67 -2.20 -1.11
N LYS A 12 2.70 -1.50 -0.63
CA LYS A 12 3.24 -1.80 0.69
C LYS A 12 2.18 -1.58 1.76
N ILE A 13 1.40 -0.51 1.61
CA ILE A 13 0.34 -0.21 2.53
C ILE A 13 -0.75 -1.27 2.42
N GLY A 14 -1.00 -1.71 1.19
CA GLY A 14 -2.03 -2.73 0.96
C GLY A 14 -1.83 -3.91 1.90
N LYS A 15 -0.62 -4.45 1.92
CA LYS A 15 -0.33 -5.58 2.78
C LYS A 15 -0.48 -5.19 4.25
N GLU A 16 0.24 -4.16 4.66
CA GLU A 16 0.15 -3.68 6.03
C GLU A 16 -1.28 -3.26 6.35
N PHE A 17 -1.88 -2.54 5.43
CA PHE A 17 -3.25 -2.08 5.61
C PHE A 17 -4.19 -3.25 5.85
N LYS A 18 -3.91 -4.38 5.21
CA LYS A 18 -4.76 -5.55 5.37
C LYS A 18 -4.59 -6.19 6.74
N ARG A 19 -3.37 -6.59 7.08
CA ARG A 19 -3.12 -7.21 8.37
C ARG A 19 -3.52 -6.27 9.50
N ILE A 20 -3.05 -5.02 9.44
CA ILE A 20 -3.37 -4.04 10.46
C ILE A 20 -4.89 -3.86 10.56
N VAL A 21 -5.56 -3.81 9.41
CA VAL A 21 -7.02 -3.67 9.39
C VAL A 21 -7.66 -5.03 9.16
N GLN A 22 -7.57 -5.89 10.15
CA GLN A 22 -8.14 -7.24 10.05
C GLN A 22 -9.47 -7.23 9.31
N ARG A 23 -9.40 -7.25 7.98
CA ARG A 23 -10.61 -7.25 7.14
C ARG A 23 -11.76 -6.53 7.84
N LEU A 1 7.32 10.24 -12.63
CA LEU A 1 5.93 10.48 -12.13
C LEU A 1 5.76 9.77 -10.80
N LEU A 2 5.24 10.50 -9.80
CA LEU A 2 5.03 9.94 -8.48
C LEU A 2 4.04 8.80 -8.52
N GLY A 3 2.93 9.03 -9.19
CA GLY A 3 1.88 8.03 -9.29
C GLY A 3 2.46 6.62 -9.33
N ASP A 4 3.63 6.49 -9.97
CA ASP A 4 4.29 5.19 -10.04
C ASP A 4 4.79 4.80 -8.65
N PHE A 5 5.35 5.77 -7.94
CA PHE A 5 5.84 5.55 -6.58
C PHE A 5 4.76 4.93 -5.72
N PHE A 6 3.59 5.55 -5.75
CA PHE A 6 2.46 5.07 -4.97
C PHE A 6 2.14 3.62 -5.32
N ARG A 7 2.13 3.29 -6.60
CA ARG A 7 1.81 1.93 -7.01
C ARG A 7 2.69 0.94 -6.25
N LYS A 8 3.97 1.23 -6.16
CA LYS A 8 4.90 0.37 -5.44
C LYS A 8 4.67 0.49 -3.93
N SER A 9 4.40 1.71 -3.48
CA SER A 9 4.17 1.96 -2.07
C SER A 9 2.80 1.42 -1.65
N LYS A 10 1.76 1.78 -2.41
CA LYS A 10 0.41 1.32 -2.10
C LYS A 10 0.42 -0.19 -1.94
N GLU A 11 1.18 -0.88 -2.78
CA GLU A 11 1.27 -2.33 -2.69
C GLU A 11 1.83 -2.73 -1.33
N LYS A 12 2.99 -2.16 -0.98
CA LYS A 12 3.59 -2.46 0.32
C LYS A 12 2.61 -2.15 1.44
N ILE A 13 2.01 -0.97 1.37
CA ILE A 13 1.05 -0.56 2.36
C ILE A 13 -0.14 -1.50 2.34
N GLY A 14 -0.47 -2.03 1.17
CA GLY A 14 -1.59 -2.94 1.05
C GLY A 14 -1.45 -4.03 2.09
N LYS A 15 -0.31 -4.69 2.06
CA LYS A 15 -0.03 -5.74 3.01
C LYS A 15 -0.20 -5.24 4.44
N GLU A 16 0.48 -4.15 4.75
CA GLU A 16 0.39 -3.57 6.10
C GLU A 16 -1.02 -3.10 6.40
N PHE A 17 -1.59 -2.30 5.50
CA PHE A 17 -2.94 -1.78 5.72
C PHE A 17 -3.97 -2.91 5.65
N LYS A 18 -3.61 -4.03 5.03
CA LYS A 18 -4.53 -5.16 4.94
C LYS A 18 -4.64 -5.84 6.31
N ARG A 19 -3.58 -5.74 7.11
CA ARG A 19 -3.57 -6.37 8.43
C ARG A 19 -3.98 -5.40 9.53
N ILE A 20 -3.95 -4.10 9.25
CA ILE A 20 -4.36 -3.11 10.27
C ILE A 20 -5.85 -2.83 10.14
N VAL A 21 -6.30 -2.66 8.90
CA VAL A 21 -7.71 -2.38 8.63
C VAL A 21 -8.53 -3.66 8.64
N GLN A 22 -8.07 -4.64 9.40
CA GLN A 22 -8.77 -5.91 9.49
C GLN A 22 -10.25 -5.71 9.75
N ARG A 23 -11.02 -5.54 8.68
CA ARG A 23 -12.45 -5.33 8.80
C ARG A 23 -13.06 -6.31 9.79
N LEU A 1 6.50 12.31 -12.20
CA LEU A 1 5.97 10.91 -12.28
C LEU A 1 6.02 10.27 -10.89
N LEU A 2 5.01 10.55 -10.09
CA LEU A 2 4.93 10.01 -8.73
C LEU A 2 3.98 8.84 -8.67
N GLY A 3 2.82 9.01 -9.26
CA GLY A 3 1.80 7.97 -9.26
C GLY A 3 2.41 6.58 -9.29
N ASP A 4 3.54 6.43 -10.00
CA ASP A 4 4.21 5.15 -10.07
C ASP A 4 4.82 4.82 -8.70
N PHE A 5 5.40 5.83 -8.07
CA PHE A 5 5.99 5.68 -6.75
C PHE A 5 4.98 5.08 -5.78
N PHE A 6 3.79 5.66 -5.77
CA PHE A 6 2.73 5.20 -4.88
C PHE A 6 2.34 3.77 -5.21
N ARG A 7 2.28 3.44 -6.50
CA ARG A 7 1.92 2.09 -6.91
C ARG A 7 2.76 1.08 -6.15
N LYS A 8 4.06 1.32 -6.09
CA LYS A 8 4.97 0.42 -5.39
C LYS A 8 4.72 0.51 -3.87
N SER A 9 4.54 1.73 -3.38
CA SER A 9 4.30 1.94 -1.97
C SER A 9 2.91 1.45 -1.57
N LYS A 10 1.90 1.86 -2.31
CA LYS A 10 0.53 1.45 -2.02
C LYS A 10 0.48 -0.07 -1.89
N GLU A 11 1.26 -0.77 -2.71
CA GLU A 11 1.30 -2.22 -2.66
C GLU A 11 1.80 -2.66 -1.28
N LYS A 12 2.96 -2.14 -0.89
CA LYS A 12 3.53 -2.47 0.40
C LYS A 12 2.51 -2.19 1.50
N ILE A 13 1.86 -1.03 1.42
CA ILE A 13 0.85 -0.67 2.38
C ILE A 13 -0.32 -1.64 2.29
N GLY A 14 -0.60 -2.08 1.06
CA GLY A 14 -1.71 -3.01 0.85
C GLY A 14 -1.60 -4.18 1.80
N LYS A 15 -0.39 -4.71 1.95
CA LYS A 15 -0.16 -5.83 2.85
C LYS A 15 -0.36 -5.38 4.29
N GLU A 16 0.40 -4.37 4.70
CA GLU A 16 0.28 -3.85 6.06
C GLU A 16 -1.13 -3.36 6.29
N PHE A 17 -1.66 -2.64 5.30
CA PHE A 17 -3.00 -2.10 5.37
C PHE A 17 -4.00 -3.20 5.71
N LYS A 18 -3.81 -4.36 5.12
CA LYS A 18 -4.71 -5.49 5.34
C LYS A 18 -4.76 -5.85 6.82
N ARG A 19 -3.59 -5.95 7.45
CA ARG A 19 -3.54 -6.29 8.87
C ARG A 19 -3.95 -5.10 9.73
N ILE A 20 -3.75 -3.90 9.20
CA ILE A 20 -4.10 -2.68 9.92
C ILE A 20 -5.60 -2.39 9.80
N VAL A 21 -6.15 -2.70 8.62
CA VAL A 21 -7.57 -2.47 8.38
C VAL A 21 -8.37 -3.74 8.62
N GLN A 22 -8.22 -4.31 9.81
CA GLN A 22 -8.94 -5.53 10.16
C GLN A 22 -10.44 -5.26 10.28
N ARG A 23 -10.97 -4.49 9.34
CA ARG A 23 -12.40 -4.16 9.35
C ARG A 23 -13.19 -5.17 8.53
#